data_4PM1
#
_entry.id   4PM1
#
_cell.length_a   43.202
_cell.length_b   86.134
_cell.length_c   63.395
_cell.angle_alpha   90.00
_cell.angle_beta   90.00
_cell.angle_gamma   90.00
#
_symmetry.space_group_name_H-M   'P 21 21 2'
#
loop_
_entity.id
_entity.type
_entity.pdbx_description
1 polymer Transthyretin
2 non-polymer (14beta,16alpha,17alpha)-16-bromoestra-1,3,5(10)-triene-3,17-diol
3 non-polymer 1,2-ETHANEDIOL
4 water water
#
_entity_poly.entity_id   1
_entity_poly.type   'polypeptide(L)'
_entity_poly.pdbx_seq_one_letter_code
;GPTGTGESKCPLMVKVLDAVRGSPAINVAVHVFRKAADDTWEPFASGKTSESGELHGLTTEEEFVEGIYKVEIDTKSYWK
ALGISPFHEHAEVVFTANDSGPRRYTIAALLSPYSYSTTAVVTNPKE
;
_entity_poly.pdbx_strand_id   A,B
#
loop_
_chem_comp.id
_chem_comp.type
_chem_comp.name
_chem_comp.formula
EDO non-polymer 1,2-ETHANEDIOL 'C2 H6 O2'
ESZ non-polymer (14beta,16alpha,17alpha)-16-bromoestra-1,3,5(10)-triene-3,17-diol 'C18 H23 Br O2'
#
# COMPACT_ATOMS: atom_id res chain seq x y z
N LYS A 9 5.71 6.15 -20.11
CA LYS A 9 6.01 7.29 -20.97
C LYS A 9 4.99 8.39 -20.70
N CYS A 10 5.49 9.62 -20.63
CA CYS A 10 4.70 10.79 -20.27
C CYS A 10 4.08 10.64 -18.85
N PRO A 11 2.74 10.52 -18.68
CA PRO A 11 2.36 11.03 -17.36
C PRO A 11 2.38 10.05 -16.19
N LEU A 12 2.49 8.75 -16.43
CA LEU A 12 2.49 7.77 -15.35
C LEU A 12 3.54 6.71 -15.62
N MET A 13 4.51 6.58 -14.72
N MET A 13 4.48 6.56 -14.69
CA MET A 13 5.53 5.54 -14.82
CA MET A 13 5.51 5.55 -14.78
C MET A 13 5.67 4.84 -13.48
C MET A 13 5.56 4.81 -13.46
N VAL A 14 5.91 3.53 -13.51
CA VAL A 14 6.07 2.73 -12.30
C VAL A 14 7.45 2.11 -12.33
N LYS A 15 8.17 2.19 -11.21
CA LYS A 15 9.52 1.66 -11.10
C LYS A 15 9.60 0.79 -9.85
N VAL A 16 10.13 -0.42 -10.00
CA VAL A 16 10.14 -1.37 -8.89
C VAL A 16 11.55 -1.92 -8.73
N LEU A 17 12.03 -1.89 -7.49
CA LEU A 17 13.36 -2.38 -7.11
C LEU A 17 13.25 -3.46 -6.05
N ASP A 18 14.23 -4.35 -6.07
CA ASP A 18 14.35 -5.47 -5.17
C ASP A 18 15.46 -5.17 -4.16
N ALA A 19 15.10 -5.06 -2.88
CA ALA A 19 16.03 -4.71 -1.80
C ALA A 19 16.84 -5.88 -1.28
N VAL A 20 16.51 -7.09 -1.71
CA VAL A 20 17.29 -8.27 -1.34
C VAL A 20 18.47 -8.41 -2.30
N ARG A 21 18.21 -8.23 -3.58
CA ARG A 21 19.22 -8.43 -4.60
C ARG A 21 19.90 -7.16 -5.05
N GLY A 22 19.37 -5.99 -4.70
CA GLY A 22 19.94 -4.74 -5.19
C GLY A 22 19.84 -4.62 -6.69
N SER A 23 18.63 -4.86 -7.20
CA SER A 23 18.40 -4.98 -8.63
C SER A 23 17.03 -4.45 -8.98
N PRO A 24 16.83 -4.11 -10.26
CA PRO A 24 15.43 -3.94 -10.71
C PRO A 24 14.62 -5.19 -10.43
N ALA A 25 13.33 -5.01 -10.14
CA ALA A 25 12.40 -6.11 -10.03
C ALA A 25 11.74 -6.27 -11.39
N ILE A 26 12.08 -7.36 -12.08
CA ILE A 26 11.72 -7.56 -13.47
C ILE A 26 10.46 -8.41 -13.58
N ASN A 27 9.62 -8.07 -14.56
N ASN A 27 9.63 -8.18 -14.59
CA ASN A 27 8.43 -8.82 -14.96
CA ASN A 27 8.43 -8.99 -14.82
C ASN A 27 7.32 -8.80 -13.92
C ASN A 27 7.46 -8.96 -13.65
N VAL A 28 7.35 -7.79 -13.04
CA VAL A 28 6.35 -7.60 -12.00
C VAL A 28 5.05 -7.08 -12.63
N ALA A 29 3.94 -7.77 -12.36
CA ALA A 29 2.65 -7.32 -12.87
C ALA A 29 2.16 -6.11 -12.11
N VAL A 30 1.61 -5.15 -12.86
CA VAL A 30 1.10 -3.90 -12.31
C VAL A 30 -0.29 -3.64 -12.90
N HIS A 31 -1.27 -3.40 -12.05
CA HIS A 31 -2.63 -3.08 -12.48
C HIS A 31 -3.02 -1.72 -11.94
N VAL A 32 -3.52 -0.85 -12.82
CA VAL A 32 -3.97 0.48 -12.43
C VAL A 32 -5.49 0.52 -12.54
N PHE A 33 -6.14 1.09 -11.54
CA PHE A 33 -7.58 1.24 -11.49
C PHE A 33 -7.91 2.71 -11.26
N ARG A 34 -9.12 3.10 -11.67
CA ARG A 34 -9.59 4.46 -11.46
C ARG A 34 -10.97 4.41 -10.83
N LYS A 35 -11.19 5.21 -9.80
CA LYS A 35 -12.48 5.22 -9.12
C LYS A 35 -13.56 5.83 -10.02
N ALA A 36 -14.63 5.08 -10.24
CA ALA A 36 -15.73 5.52 -11.10
C ALA A 36 -16.74 6.34 -10.32
N ALA A 37 -17.73 6.89 -11.03
CA ALA A 37 -18.75 7.73 -10.43
C ALA A 37 -19.59 6.99 -9.38
N ASP A 38 -19.64 5.67 -9.48
CA ASP A 38 -20.37 4.86 -8.50
C ASP A 38 -19.45 4.35 -7.40
N ASP A 39 -18.30 5.00 -7.24
N ASP A 39 -18.29 5.00 -7.25
CA ASP A 39 -17.34 4.67 -6.18
CA ASP A 39 -17.30 4.71 -6.21
C ASP A 39 -16.83 3.24 -6.27
C ASP A 39 -16.62 3.34 -6.34
N THR A 40 -16.81 2.68 -7.47
CA THR A 40 -16.19 1.37 -7.69
C THR A 40 -14.85 1.54 -8.42
N TRP A 41 -13.97 0.54 -8.30
CA TRP A 41 -12.69 0.57 -8.99
C TRP A 41 -12.80 -0.01 -10.40
N GLU A 42 -12.61 0.84 -11.40
N GLU A 42 -12.61 0.84 -11.40
CA GLU A 42 -12.63 0.41 -12.80
CA GLU A 42 -12.63 0.43 -12.79
C GLU A 42 -11.22 0.17 -13.33
C GLU A 42 -11.22 0.18 -13.33
N PRO A 43 -11.04 -0.89 -14.11
CA PRO A 43 -9.73 -1.13 -14.71
C PRO A 43 -9.31 0.03 -15.61
N PHE A 44 -8.06 0.46 -15.50
CA PHE A 44 -7.58 1.63 -16.22
C PHE A 44 -6.43 1.26 -17.15
N ALA A 45 -5.43 0.54 -16.63
CA ALA A 45 -4.31 0.09 -17.46
C ALA A 45 -3.57 -0.99 -16.72
N SER A 46 -2.77 -1.78 -17.43
CA SER A 46 -1.89 -2.72 -16.75
C SER A 46 -0.69 -3.04 -17.62
N GLY A 47 0.30 -3.69 -17.02
CA GLY A 47 1.50 -4.08 -17.74
C GLY A 47 2.45 -4.80 -16.80
N LYS A 48 3.67 -5.04 -17.25
N LYS A 48 3.67 -5.03 -17.28
CA LYS A 48 4.65 -5.61 -16.35
CA LYS A 48 4.70 -5.68 -16.48
C LYS A 48 5.99 -4.94 -16.54
C LYS A 48 5.97 -4.85 -16.53
N THR A 49 6.75 -4.88 -15.46
CA THR A 49 8.02 -4.17 -15.46
C THR A 49 9.02 -4.82 -16.40
N SER A 50 9.84 -3.97 -17.00
CA SER A 50 10.88 -4.40 -17.92
C SER A 50 12.11 -4.89 -17.18
N GLU A 51 13.17 -5.14 -17.96
N GLU A 51 13.18 -5.16 -17.94
CA GLU A 51 14.46 -5.53 -17.42
CA GLU A 51 14.45 -5.56 -17.35
C GLU A 51 15.10 -4.43 -16.58
C GLU A 51 15.03 -4.43 -16.49
N SER A 52 14.61 -3.20 -16.74
CA SER A 52 15.07 -2.09 -15.92
C SER A 52 14.18 -1.87 -14.68
N GLY A 53 13.18 -2.72 -14.50
CA GLY A 53 12.25 -2.56 -13.39
C GLY A 53 11.23 -1.46 -13.64
N GLU A 54 11.12 -0.98 -14.88
CA GLU A 54 10.23 0.13 -15.19
C GLU A 54 9.08 -0.27 -16.07
N LEU A 55 7.99 0.47 -15.94
CA LEU A 55 6.81 0.23 -16.74
C LEU A 55 6.36 1.58 -17.24
N HIS A 56 6.52 1.74 -18.55
CA HIS A 56 6.18 2.94 -19.30
C HIS A 56 4.95 2.66 -20.16
N GLY A 57 4.31 3.73 -20.62
CA GLY A 57 3.25 3.57 -21.61
C GLY A 57 1.91 3.12 -21.08
N LEU A 58 1.67 3.26 -19.78
CA LEU A 58 0.39 2.85 -19.21
C LEU A 58 -0.76 3.71 -19.70
N THR A 59 -0.50 5.00 -19.86
CA THR A 59 -1.56 5.90 -20.27
C THR A 59 -1.02 7.10 -21.05
N THR A 60 -1.91 8.01 -21.39
CA THR A 60 -1.56 9.21 -22.14
C THR A 60 -2.03 10.41 -21.34
N GLU A 61 -1.55 11.60 -21.69
N GLU A 61 -1.53 11.59 -21.69
CA GLU A 61 -2.02 12.79 -20.98
CA GLU A 61 -1.98 12.83 -21.09
C GLU A 61 -3.52 12.99 -21.20
C GLU A 61 -3.49 12.97 -21.20
N GLU A 62 -4.03 12.62 -22.37
CA GLU A 62 -5.46 12.75 -22.64
C GLU A 62 -6.33 11.84 -21.76
N GLU A 63 -5.88 10.61 -21.61
N GLU A 63 -5.89 10.60 -21.61
CA GLU A 63 -6.65 9.59 -20.91
CA GLU A 63 -6.69 9.60 -20.89
C GLU A 63 -6.56 9.76 -19.39
C GLU A 63 -6.56 9.74 -19.38
N PHE A 64 -5.42 10.26 -18.93
CA PHE A 64 -5.10 10.36 -17.50
C PHE A 64 -5.72 11.62 -16.90
N VAL A 65 -7.04 11.63 -16.81
CA VAL A 65 -7.80 12.77 -16.30
C VAL A 65 -7.74 12.80 -14.78
N GLU A 66 -8.25 13.88 -14.19
CA GLU A 66 -8.42 13.94 -12.75
C GLU A 66 -9.16 12.75 -12.25
N GLY A 67 -8.78 12.27 -11.06
CA GLY A 67 -9.49 11.16 -10.47
C GLY A 67 -8.70 10.57 -9.34
N ILE A 68 -9.26 9.54 -8.75
CA ILE A 68 -8.57 8.76 -7.73
C ILE A 68 -8.16 7.45 -8.39
N TYR A 69 -6.86 7.18 -8.31
CA TYR A 69 -6.24 6.04 -8.95
C TYR A 69 -5.63 5.10 -7.94
N LYS A 70 -5.62 3.81 -8.28
CA LYS A 70 -4.97 2.81 -7.46
C LYS A 70 -4.00 2.04 -8.34
N VAL A 71 -2.74 1.98 -7.92
CA VAL A 71 -1.73 1.19 -8.60
C VAL A 71 -1.46 -0.03 -7.73
N GLU A 72 -1.74 -1.21 -8.26
N GLU A 72 -1.82 -1.20 -8.22
CA GLU A 72 -1.56 -2.48 -7.56
CA GLU A 72 -1.53 -2.45 -7.55
C GLU A 72 -0.38 -3.27 -8.14
C GLU A 72 -0.29 -3.06 -8.19
N ILE A 73 0.67 -3.40 -7.34
CA ILE A 73 1.91 -4.04 -7.78
C ILE A 73 1.92 -5.46 -7.22
N ASP A 74 2.01 -6.46 -8.09
N ASP A 74 1.97 -6.46 -8.11
CA ASP A 74 1.80 -7.82 -7.63
CA ASP A 74 1.88 -7.86 -7.69
C ASP A 74 3.10 -8.47 -7.09
C ASP A 74 3.20 -8.37 -7.14
N THR A 75 3.43 -8.04 -5.88
CA THR A 75 4.67 -8.40 -5.23
C THR A 75 4.71 -9.83 -4.80
N LYS A 76 3.56 -10.39 -4.41
N LYS A 76 3.56 -10.41 -4.41
CA LYS A 76 3.56 -11.77 -3.93
CA LYS A 76 3.59 -11.78 -3.92
C LYS A 76 4.04 -12.74 -5.01
C LYS A 76 4.03 -12.77 -5.00
N SER A 77 3.53 -12.59 -6.23
CA SER A 77 3.94 -13.48 -7.31
C SER A 77 5.42 -13.33 -7.64
N TYR A 78 5.92 -12.10 -7.53
CA TYR A 78 7.32 -11.82 -7.76
C TYR A 78 8.18 -12.63 -6.79
N TRP A 79 7.88 -12.54 -5.49
CA TRP A 79 8.69 -13.25 -4.51
C TRP A 79 8.55 -14.75 -4.64
N LYS A 80 7.34 -15.22 -4.89
N LYS A 80 7.33 -15.21 -4.89
N LYS A 80 7.33 -15.21 -4.88
CA LYS A 80 7.12 -16.66 -4.98
CA LYS A 80 7.10 -16.66 -4.99
CA LYS A 80 7.08 -16.65 -4.99
C LYS A 80 7.93 -17.28 -6.11
C LYS A 80 7.94 -17.26 -6.10
C LYS A 80 7.87 -17.30 -6.13
N ALA A 81 8.08 -16.54 -7.20
CA ALA A 81 8.87 -17.03 -8.34
C ALA A 81 10.35 -17.15 -8.01
N LEU A 82 10.79 -16.42 -6.98
CA LEU A 82 12.16 -16.47 -6.50
C LEU A 82 12.32 -17.44 -5.34
N GLY A 83 11.26 -18.18 -5.01
CA GLY A 83 11.29 -19.17 -3.95
C GLY A 83 10.96 -18.67 -2.56
N ILE A 84 10.45 -17.44 -2.49
CA ILE A 84 10.19 -16.78 -1.23
C ILE A 84 8.69 -16.63 -0.99
N SER A 85 8.24 -16.95 0.21
CA SER A 85 6.86 -16.74 0.61
C SER A 85 6.76 -15.44 1.41
N PRO A 86 6.27 -14.37 0.76
CA PRO A 86 6.32 -13.04 1.37
C PRO A 86 5.08 -12.75 2.21
N PHE A 87 5.11 -11.65 2.94
CA PHE A 87 3.98 -11.31 3.77
C PHE A 87 2.80 -10.69 3.01
N HIS A 88 3.08 -9.75 2.12
CA HIS A 88 2.00 -8.99 1.49
C HIS A 88 1.47 -9.65 0.23
N GLU A 89 0.19 -9.42 -0.05
CA GLU A 89 -0.40 -9.87 -1.30
C GLU A 89 0.09 -9.02 -2.46
N HIS A 90 0.12 -7.72 -2.21
N HIS A 90 0.15 -7.72 -2.25
CA HIS A 90 0.49 -6.71 -3.21
CA HIS A 90 0.57 -6.80 -3.29
C HIS A 90 1.12 -5.54 -2.49
C HIS A 90 0.79 -5.47 -2.61
N ALA A 91 1.49 -4.56 -3.28
CA ALA A 91 1.68 -3.21 -2.77
C ALA A 91 0.62 -2.37 -3.48
N GLU A 92 -0.17 -1.64 -2.70
N GLU A 92 -0.15 -1.56 -2.73
CA GLU A 92 -1.18 -0.75 -3.24
CA GLU A 92 -1.26 -0.77 -3.30
C GLU A 92 -0.73 0.69 -3.09
C GLU A 92 -1.20 0.73 -3.06
N VAL A 93 -0.96 1.49 -4.13
CA VAL A 93 -0.68 2.91 -4.07
C VAL A 93 -1.92 3.68 -4.52
N VAL A 94 -2.55 4.44 -3.63
CA VAL A 94 -3.83 5.09 -3.93
C VAL A 94 -3.65 6.59 -3.81
N PHE A 95 -4.04 7.34 -4.83
CA PHE A 95 -3.76 8.77 -4.87
C PHE A 95 -4.72 9.50 -5.79
N THR A 96 -4.93 10.78 -5.50
CA THR A 96 -5.64 11.65 -6.41
C THR A 96 -4.65 12.21 -7.41
N ALA A 97 -5.01 12.20 -8.68
CA ALA A 97 -4.12 12.69 -9.72
C ALA A 97 -4.71 13.90 -10.42
N ASN A 98 -3.82 14.81 -10.81
CA ASN A 98 -4.12 15.90 -11.74
C ASN A 98 -5.16 16.89 -11.22
N ASP A 99 -5.32 16.92 -9.90
N ASP A 99 -5.34 16.95 -9.90
CA ASP A 99 -6.31 17.78 -9.26
CA ASP A 99 -6.40 17.81 -9.35
C ASP A 99 -6.03 19.26 -9.51
C ASP A 99 -5.99 19.29 -9.30
N SER A 100 -4.76 19.59 -9.72
CA SER A 100 -4.33 20.96 -9.90
C SER A 100 -3.69 21.15 -11.27
N GLY A 101 -4.19 20.40 -12.25
CA GLY A 101 -3.60 20.40 -13.58
C GLY A 101 -2.75 19.17 -13.77
N PRO A 102 -2.43 18.85 -15.04
CA PRO A 102 -1.67 17.64 -15.34
C PRO A 102 -0.28 17.65 -14.70
N ARG A 103 0.12 16.50 -14.16
CA ARG A 103 1.48 16.34 -13.65
C ARG A 103 2.05 15.04 -14.19
N ARG A 104 3.37 14.90 -14.11
N ARG A 104 3.37 14.89 -14.09
CA ARG A 104 4.02 13.63 -14.36
CA ARG A 104 4.05 13.63 -14.40
C ARG A 104 4.16 12.91 -13.02
C ARG A 104 4.34 12.85 -13.10
N TYR A 105 3.83 11.64 -13.00
CA TYR A 105 3.93 10.82 -11.78
C TYR A 105 4.82 9.63 -11.98
N THR A 106 5.83 9.51 -11.13
CA THR A 106 6.58 8.26 -11.05
C THR A 106 6.25 7.61 -9.72
N ILE A 107 5.71 6.41 -9.79
CA ILE A 107 5.38 5.64 -8.61
C ILE A 107 6.46 4.60 -8.44
N ALA A 108 7.25 4.71 -7.38
CA ALA A 108 8.35 3.80 -7.15
C ALA A 108 8.04 2.90 -5.96
N ALA A 109 8.52 1.67 -6.02
CA ALA A 109 8.37 0.75 -4.91
C ALA A 109 9.67 0.01 -4.70
N LEU A 110 10.04 -0.16 -3.45
CA LEU A 110 11.23 -0.90 -3.06
C LEU A 110 10.77 -2.10 -2.23
N LEU A 111 11.11 -3.30 -2.66
CA LEU A 111 10.51 -4.53 -2.12
C LEU A 111 11.45 -5.38 -1.30
N SER A 112 10.94 -5.86 -0.16
CA SER A 112 11.56 -6.92 0.63
C SER A 112 10.46 -7.93 0.96
N PRO A 113 10.82 -9.14 1.37
CA PRO A 113 9.76 -10.12 1.58
C PRO A 113 8.72 -9.74 2.64
N TYR A 114 9.10 -9.04 3.70
CA TYR A 114 8.13 -8.68 4.74
C TYR A 114 7.95 -7.17 4.88
N SER A 115 8.36 -6.42 3.86
N SER A 115 8.41 -6.42 3.88
CA SER A 115 8.32 -4.96 3.94
CA SER A 115 8.35 -4.98 3.92
C SER A 115 8.39 -4.35 2.56
C SER A 115 8.32 -4.39 2.53
N TYR A 116 7.58 -3.33 2.28
N TYR A 116 7.83 -3.17 2.41
CA TYR A 116 7.84 -2.54 1.07
CA TYR A 116 8.07 -2.40 1.20
C TYR A 116 7.74 -1.07 1.40
C TYR A 116 7.90 -0.91 1.46
N SER A 117 8.39 -0.25 0.57
N SER A 117 8.57 -0.11 0.63
N SER A 117 8.39 -0.09 0.74
CA SER A 117 8.16 1.16 0.63
CA SER A 117 8.45 1.34 0.65
CA SER A 117 8.43 1.36 0.68
C SER A 117 7.66 1.61 -0.73
C SER A 117 7.96 1.81 -0.72
C SER A 117 8.01 1.86 -0.70
N THR A 118 7.04 2.76 -0.74
CA THR A 118 6.57 3.33 -1.98
C THR A 118 6.64 4.83 -1.90
N THR A 119 7.02 5.44 -3.02
N THR A 119 7.18 5.46 -2.95
CA THR A 119 7.38 6.84 -3.10
CA THR A 119 7.22 6.90 -2.99
C THR A 119 6.88 7.43 -4.41
C THR A 119 6.62 7.35 -4.31
N ALA A 120 6.31 8.63 -4.36
CA ALA A 120 5.91 9.27 -5.60
C ALA A 120 6.84 10.43 -5.87
N VAL A 121 7.32 10.50 -7.11
CA VAL A 121 8.03 11.68 -7.58
C VAL A 121 7.13 12.36 -8.60
N VAL A 122 6.75 13.60 -8.31
CA VAL A 122 5.78 14.29 -9.13
C VAL A 122 6.41 15.54 -9.72
N THR A 123 6.34 15.65 -11.04
CA THR A 123 6.91 16.77 -11.77
C THR A 123 5.83 17.56 -12.51
N ASN A 124 5.99 18.89 -12.57
CA ASN A 124 5.13 19.74 -13.37
C ASN A 124 5.68 19.88 -14.78
N PRO A 125 4.89 19.49 -15.80
CA PRO A 125 5.35 19.58 -17.18
C PRO A 125 5.17 20.98 -17.76
N CYS B 10 -4.70 -9.12 20.92
CA CYS B 10 -3.33 -9.59 20.96
C CYS B 10 -2.72 -10.06 19.63
N PRO B 11 -3.53 -10.67 18.73
CA PRO B 11 -2.80 -11.21 17.58
C PRO B 11 -2.51 -10.17 16.49
N LEU B 12 -3.11 -8.99 16.57
CA LEU B 12 -2.90 -7.97 15.56
C LEU B 12 -2.71 -6.59 16.21
N MET B 13 -1.56 -5.97 15.94
N MET B 13 -1.58 -5.97 15.90
CA MET B 13 -1.26 -4.62 16.46
CA MET B 13 -1.29 -4.63 16.40
C MET B 13 -0.76 -3.75 15.32
C MET B 13 -0.93 -3.78 15.21
N VAL B 14 -1.17 -2.48 15.32
CA VAL B 14 -0.72 -1.55 14.29
C VAL B 14 0.08 -0.44 14.95
N LYS B 15 1.23 -0.11 14.38
CA LYS B 15 2.08 0.95 14.90
C LYS B 15 2.47 1.90 13.79
N VAL B 16 2.32 3.19 14.04
CA VAL B 16 2.51 4.18 12.99
C VAL B 16 3.43 5.29 13.49
N LEU B 17 4.44 5.60 12.70
CA LEU B 17 5.42 6.64 13.00
C LEU B 17 5.44 7.72 11.93
N ASP B 18 5.83 8.91 12.35
CA ASP B 18 5.89 10.10 11.52
C ASP B 18 7.36 10.42 11.27
N ALA B 19 7.78 10.26 10.01
CA ALA B 19 9.17 10.45 9.60
C ALA B 19 9.59 11.90 9.49
N VAL B 20 8.63 12.81 9.46
CA VAL B 20 8.92 14.22 9.36
C VAL B 20 9.22 14.77 10.74
N ARG B 21 8.39 14.43 11.71
CA ARG B 21 8.53 14.97 13.05
C ARG B 21 9.31 14.06 13.99
N GLY B 22 9.62 12.84 13.57
CA GLY B 22 10.32 11.90 14.43
C GLY B 22 9.51 11.55 15.65
N SER B 23 8.26 11.16 15.43
CA SER B 23 7.32 10.98 16.52
C SER B 23 6.36 9.85 16.21
N PRO B 24 5.70 9.29 17.23
CA PRO B 24 4.52 8.49 16.92
C PRO B 24 3.54 9.33 16.10
N ALA B 25 2.81 8.67 15.21
CA ALA B 25 1.73 9.34 14.48
C ALA B 25 0.46 9.09 15.27
N ILE B 26 -0.01 10.14 15.92
N ILE B 26 0.00 10.08 16.01
CA ILE B 26 -1.11 10.10 16.88
CA ILE B 26 -1.12 9.85 16.91
C ILE B 26 -2.44 10.43 16.20
C ILE B 26 -2.42 10.33 16.28
N ASN B 27 -3.49 9.74 16.62
N ASN B 27 -3.53 9.73 16.71
CA ASN B 27 -4.86 10.04 16.19
CA ASN B 27 -4.85 10.05 16.17
C ASN B 27 -5.12 9.70 14.72
C ASN B 27 -4.92 9.85 14.66
N VAL B 28 -4.37 8.73 14.21
CA VAL B 28 -4.53 8.30 12.82
C VAL B 28 -5.62 7.23 12.77
N ALA B 29 -6.62 7.42 11.90
CA ALA B 29 -7.66 6.39 11.75
C ALA B 29 -7.11 5.18 11.02
N VAL B 30 -7.51 4.02 11.49
CA VAL B 30 -7.08 2.74 10.95
C VAL B 30 -8.30 1.86 10.79
N HIS B 31 -8.51 1.34 9.59
CA HIS B 31 -9.63 0.44 9.30
C HIS B 31 -9.12 -0.90 8.82
N VAL B 32 -9.60 -1.97 9.43
CA VAL B 32 -9.25 -3.33 9.01
C VAL B 32 -10.44 -3.98 8.33
N PHE B 33 -10.19 -4.68 7.25
CA PHE B 33 -11.22 -5.36 6.46
C PHE B 33 -10.80 -6.79 6.27
N ARG B 34 -11.78 -7.67 6.06
N ARG B 34 -11.79 -7.65 6.04
CA ARG B 34 -11.51 -9.07 5.71
CA ARG B 34 -11.52 -9.02 5.67
C ARG B 34 -12.24 -9.40 4.42
C ARG B 34 -12.21 -9.29 4.35
N LYS B 35 -11.54 -10.05 3.49
CA LYS B 35 -12.10 -10.34 2.19
C LYS B 35 -13.20 -11.38 2.31
N ALA B 36 -14.37 -11.06 1.74
CA ALA B 36 -15.53 -11.95 1.78
C ALA B 36 -15.51 -12.89 0.59
N ALA B 37 -16.39 -13.90 0.65
CA ALA B 37 -16.50 -14.91 -0.40
C ALA B 37 -16.79 -14.32 -1.79
N ASP B 38 -17.47 -13.18 -1.82
CA ASP B 38 -17.77 -12.52 -3.10
C ASP B 38 -16.69 -11.50 -3.49
N ASP B 39 -15.52 -11.62 -2.87
CA ASP B 39 -14.35 -10.80 -3.15
C ASP B 39 -14.52 -9.32 -2.78
N THR B 40 -15.53 -9.01 -1.97
CA THR B 40 -15.66 -7.66 -1.43
C THR B 40 -14.91 -7.56 -0.10
N TRP B 41 -14.63 -6.34 0.33
CA TRP B 41 -14.00 -6.09 1.62
C TRP B 41 -15.03 -5.80 2.70
N GLU B 42 -15.06 -6.65 3.71
N GLU B 42 -15.13 -6.69 3.68
CA GLU B 42 -16.01 -6.51 4.81
CA GLU B 42 -16.03 -6.46 4.81
C GLU B 42 -15.36 -5.84 6.02
C GLU B 42 -15.30 -5.73 5.91
N PRO B 43 -15.95 -4.74 6.52
CA PRO B 43 -15.38 -4.13 7.74
C PRO B 43 -15.19 -5.16 8.84
N PHE B 44 -14.02 -5.12 9.48
CA PHE B 44 -13.63 -6.12 10.45
C PHE B 44 -13.33 -5.50 11.81
N ALA B 45 -12.57 -4.41 11.84
CA ALA B 45 -12.22 -3.71 13.09
C ALA B 45 -11.66 -2.36 12.74
N SER B 46 -11.64 -1.41 13.67
CA SER B 46 -11.04 -0.11 13.39
C SER B 46 -10.73 0.61 14.68
N GLY B 47 -10.01 1.72 14.58
CA GLY B 47 -9.72 2.52 15.75
C GLY B 47 -8.85 3.68 15.33
N LYS B 48 -8.30 4.38 16.32
N LYS B 48 -8.30 4.38 16.31
CA LYS B 48 -7.37 5.49 16.10
CA LYS B 48 -7.32 5.41 15.99
C LYS B 48 -6.08 5.22 16.86
C LYS B 48 -6.08 5.17 16.82
N THR B 49 -4.95 5.59 16.29
CA THR B 49 -3.68 5.35 16.99
C THR B 49 -3.62 6.21 18.27
N SER B 50 -3.02 5.61 19.28
CA SER B 50 -2.81 6.24 20.58
C SER B 50 -1.71 7.28 20.56
N GLU B 51 -1.45 7.85 21.74
CA GLU B 51 -0.35 8.79 21.91
C GLU B 51 1.01 8.14 21.63
N SER B 52 1.08 6.82 21.66
CA SER B 52 2.31 6.13 21.33
C SER B 52 2.31 5.65 19.87
N GLY B 53 1.31 6.08 19.10
CA GLY B 53 1.21 5.70 17.71
C GLY B 53 0.73 4.27 17.50
N GLU B 54 0.16 3.66 18.53
CA GLU B 54 -0.21 2.26 18.48
C GLU B 54 -1.70 2.05 18.55
N LEU B 55 -2.15 0.95 18.00
CA LEU B 55 -3.54 0.58 18.07
C LEU B 55 -3.60 -0.87 18.44
N HIS B 56 -4.12 -1.10 19.64
CA HIS B 56 -4.23 -2.41 20.26
C HIS B 56 -5.69 -2.84 20.32
N GLY B 57 -5.93 -4.12 20.54
CA GLY B 57 -7.27 -4.60 20.80
C GLY B 57 -8.20 -4.63 19.61
N LEU B 58 -7.64 -4.64 18.41
CA LEU B 58 -8.45 -4.71 17.19
C LEU B 58 -9.25 -6.00 17.10
N THR B 59 -8.66 -7.11 17.51
CA THR B 59 -9.33 -8.38 17.33
C THR B 59 -8.89 -9.37 18.40
N THR B 60 -9.40 -10.59 18.30
CA THR B 60 -9.11 -11.64 19.25
C THR B 60 -8.53 -12.81 18.50
N GLU B 61 -7.87 -13.71 19.21
N GLU B 61 -7.87 -13.69 19.23
CA GLU B 61 -7.35 -14.91 18.57
CA GLU B 61 -7.41 -14.96 18.68
C GLU B 61 -8.48 -15.75 17.98
C GLU B 61 -8.58 -15.70 18.03
N GLU B 62 -9.64 -15.73 18.62
N GLU B 62 -9.72 -15.70 18.71
CA GLU B 62 -10.75 -16.56 18.14
CA GLU B 62 -10.91 -16.38 18.20
C GLU B 62 -11.26 -16.06 16.79
C GLU B 62 -11.36 -15.85 16.84
N GLU B 63 -11.35 -14.74 16.63
N GLU B 63 -11.38 -14.54 16.68
CA GLU B 63 -11.95 -14.18 15.42
CA GLU B 63 -11.95 -13.93 15.48
C GLU B 63 -10.95 -14.01 14.27
C GLU B 63 -10.97 -13.85 14.31
N PHE B 64 -9.67 -13.86 14.61
CA PHE B 64 -8.64 -13.61 13.60
C PHE B 64 -8.22 -14.89 12.92
N VAL B 65 -9.15 -15.46 12.15
CA VAL B 65 -8.92 -16.72 11.46
C VAL B 65 -8.17 -16.50 10.15
N GLU B 66 -7.64 -17.58 9.58
CA GLU B 66 -6.99 -17.46 8.29
C GLU B 66 -7.93 -16.81 7.28
N GLY B 67 -7.35 -16.02 6.39
CA GLY B 67 -8.13 -15.26 5.43
C GLY B 67 -7.28 -14.11 4.94
N ILE B 68 -7.82 -13.32 4.01
CA ILE B 68 -7.11 -12.18 3.46
C ILE B 68 -7.65 -10.94 4.14
N TYR B 69 -6.73 -10.14 4.68
CA TYR B 69 -7.04 -8.93 5.42
C TYR B 69 -6.43 -7.72 4.76
N LYS B 70 -7.08 -6.58 4.94
CA LYS B 70 -6.55 -5.29 4.51
C LYS B 70 -6.55 -4.34 5.69
N VAL B 71 -5.41 -3.69 5.93
CA VAL B 71 -5.33 -2.63 6.92
C VAL B 71 -5.17 -1.32 6.16
N GLU B 72 -6.14 -0.43 6.27
N GLU B 72 -6.11 -0.41 6.35
CA GLU B 72 -6.03 0.91 5.69
CA GLU B 72 -6.11 0.91 5.71
C GLU B 72 -5.67 1.87 6.81
C GLU B 72 -5.78 2.02 6.73
N ILE B 73 -4.63 2.66 6.54
CA ILE B 73 -4.17 3.68 7.47
C ILE B 73 -4.47 5.02 6.82
N ASP B 74 -5.26 5.87 7.46
N ASP B 74 -5.29 5.82 7.48
CA ASP B 74 -5.76 7.07 6.80
CA ASP B 74 -5.75 7.09 6.96
C ASP B 74 -4.78 8.24 6.91
C ASP B 74 -4.64 8.15 7.06
N THR B 75 -3.74 8.15 6.08
CA THR B 75 -2.60 9.05 6.12
C THR B 75 -2.92 10.45 5.61
N LYS B 76 -3.79 10.56 4.62
CA LYS B 76 -4.06 11.88 4.04
C LYS B 76 -4.64 12.84 5.09
N SER B 77 -5.58 12.35 5.89
CA SER B 77 -6.18 13.19 6.91
C SER B 77 -5.17 13.59 7.98
N TYR B 78 -4.22 12.70 8.27
CA TYR B 78 -3.17 13.00 9.22
C TYR B 78 -2.32 14.19 8.73
N TRP B 79 -1.85 14.12 7.48
CA TRP B 79 -1.01 15.18 6.94
C TRP B 79 -1.79 16.48 6.80
N LYS B 80 -3.06 16.38 6.42
CA LYS B 80 -3.89 17.58 6.27
C LYS B 80 -4.02 18.32 7.59
N ALA B 81 -4.14 17.58 8.68
CA ALA B 81 -4.24 18.21 9.99
C ALA B 81 -2.97 18.98 10.32
N LEU B 82 -1.83 18.46 9.86
CA LEU B 82 -0.54 19.09 10.10
C LEU B 82 -0.24 20.22 9.12
N GLY B 83 -1.11 20.41 8.12
CA GLY B 83 -0.92 21.45 7.13
C GLY B 83 0.13 21.11 6.08
N ILE B 84 0.34 19.82 5.87
CA ILE B 84 1.36 19.36 4.94
C ILE B 84 0.70 18.62 3.79
N SER B 85 0.97 19.03 2.58
CA SER B 85 0.34 18.44 1.40
C SER B 85 0.82 17.02 1.14
N PRO B 86 -0.09 16.04 1.13
CA PRO B 86 0.37 14.66 0.97
C PRO B 86 0.03 14.07 -0.40
N PHE B 87 0.66 12.96 -0.74
CA PHE B 87 0.39 12.29 -1.99
C PHE B 87 -0.70 11.22 -1.91
N HIS B 88 -0.61 10.33 -0.95
CA HIS B 88 -1.49 9.17 -0.92
C HIS B 88 -2.82 9.47 -0.25
N GLU B 89 -3.86 8.78 -0.68
CA GLU B 89 -5.13 8.83 0.04
C GLU B 89 -5.00 8.14 1.39
N HIS B 90 -4.36 6.98 1.38
CA HIS B 90 -4.17 6.20 2.58
C HIS B 90 -3.08 5.20 2.27
N ALA B 91 -2.55 4.55 3.29
CA ALA B 91 -1.65 3.44 3.10
C ALA B 91 -2.47 2.17 3.25
N GLU B 92 -2.20 1.17 2.40
N GLU B 92 -2.29 1.24 2.31
CA GLU B 92 -3.06 -0.01 2.33
CA GLU B 92 -2.98 -0.03 2.36
C GLU B 92 -2.29 -1.34 2.36
C GLU B 92 -1.99 -1.14 2.60
N VAL B 93 -2.37 -2.06 3.48
CA VAL B 93 -1.54 -3.23 3.74
C VAL B 93 -2.39 -4.48 3.62
N VAL B 94 -2.10 -5.34 2.65
CA VAL B 94 -2.96 -6.48 2.35
C VAL B 94 -2.15 -7.76 2.49
N PHE B 95 -2.69 -8.72 3.23
CA PHE B 95 -1.93 -9.93 3.57
C PHE B 95 -2.87 -11.09 3.86
N THR B 96 -2.35 -12.31 3.79
CA THR B 96 -3.08 -13.51 4.20
C THR B 96 -2.62 -13.93 5.59
N ALA B 97 -3.56 -14.05 6.54
CA ALA B 97 -3.23 -14.58 7.85
C ALA B 97 -3.03 -16.09 7.74
N ASN B 98 -1.98 -16.59 8.40
CA ASN B 98 -1.52 -17.97 8.24
C ASN B 98 -1.26 -18.59 9.59
N ASP B 99 -1.97 -19.67 9.93
CA ASP B 99 -1.81 -20.29 11.25
C ASP B 99 -0.47 -21.02 11.42
C ASP B 99 -0.47 -21.02 11.42
N SER B 100 0.18 -21.35 10.32
CA SER B 100 1.49 -22.02 10.38
C SER B 100 2.60 -21.13 10.90
N GLY B 101 2.39 -19.81 10.84
CA GLY B 101 3.43 -18.87 11.24
C GLY B 101 3.27 -18.42 12.68
N PRO B 102 4.08 -17.42 13.09
CA PRO B 102 4.02 -16.91 14.46
C PRO B 102 2.65 -16.32 14.83
N ARG B 103 2.40 -16.20 16.13
N ARG B 103 2.40 -16.22 16.12
CA ARG B 103 1.06 -15.91 16.64
CA ARG B 103 1.06 -15.91 16.62
C ARG B 103 0.68 -14.43 16.63
C ARG B 103 0.68 -14.44 16.46
N ARG B 104 1.65 -13.54 16.53
CA ARG B 104 1.34 -12.12 16.55
C ARG B 104 1.85 -11.38 15.31
N TYR B 105 0.97 -10.57 14.74
CA TYR B 105 1.32 -9.69 13.63
C TYR B 105 1.32 -8.25 14.11
N THR B 106 2.46 -7.57 13.94
CA THR B 106 2.52 -6.14 14.11
C THR B 106 2.69 -5.53 12.74
N ILE B 107 1.72 -4.73 12.34
CA ILE B 107 1.77 -4.02 11.09
C ILE B 107 2.27 -2.63 11.39
N ALA B 108 3.48 -2.33 10.95
CA ALA B 108 4.06 -1.02 11.23
C ALA B 108 4.14 -0.19 9.98
N ALA B 109 4.03 1.13 10.12
CA ALA B 109 4.14 2.02 8.99
C ALA B 109 4.91 3.24 9.39
N LEU B 110 5.75 3.71 8.49
CA LEU B 110 6.53 4.91 8.66
C LEU B 110 6.08 5.89 7.59
N LEU B 111 5.58 7.05 8.00
CA LEU B 111 4.91 7.95 7.07
C LEU B 111 5.69 9.22 6.76
N SER B 112 5.73 9.54 5.47
N SER B 112 5.73 9.55 5.47
CA SER B 112 6.17 10.83 4.96
CA SER B 112 6.15 10.88 5.03
C SER B 112 5.11 11.35 4.00
C SER B 112 5.11 11.36 4.02
N PRO B 113 5.11 12.65 3.70
CA PRO B 113 4.03 13.15 2.85
C PRO B 113 3.95 12.49 1.47
N TYR B 114 5.09 12.18 0.84
CA TYR B 114 5.09 11.59 -0.49
C TYR B 114 5.64 10.16 -0.52
N SER B 115 5.74 9.52 0.64
N SER B 115 5.76 9.54 0.65
CA SER B 115 6.29 8.16 0.71
CA SER B 115 6.27 8.18 0.75
C SER B 115 5.92 7.47 2.01
C SER B 115 5.76 7.50 2.00
N TYR B 116 5.60 6.18 1.96
N TYR B 116 5.66 6.19 1.96
CA TYR B 116 5.48 5.41 3.19
CA TYR B 116 5.52 5.46 3.19
C TYR B 116 6.19 4.07 3.07
C TYR B 116 6.14 4.10 3.05
N SER B 117 6.57 3.52 4.22
N SER B 117 6.57 3.57 4.19
CA SER B 117 7.19 2.20 4.33
CA SER B 117 7.03 2.20 4.24
C SER B 117 6.39 1.40 5.33
C SER B 117 6.14 1.44 5.19
N THR B 118 6.12 0.14 5.01
CA THR B 118 5.39 -0.70 5.93
C THR B 118 6.08 -2.02 6.08
N THR B 119 6.05 -2.55 7.29
N THR B 119 6.09 -2.53 7.31
CA THR B 119 6.71 -3.79 7.58
CA THR B 119 6.75 -3.81 7.62
C THR B 119 5.75 -4.62 8.40
C THR B 119 5.92 -4.64 8.57
N ALA B 120 5.89 -5.92 8.31
CA ALA B 120 5.18 -6.84 9.15
C ALA B 120 6.19 -7.48 10.07
N VAL B 121 6.00 -7.35 11.37
CA VAL B 121 6.83 -8.03 12.35
C VAL B 121 5.98 -9.13 12.92
N VAL B 122 6.39 -10.37 12.68
CA VAL B 122 5.59 -11.53 13.00
C VAL B 122 6.34 -12.35 14.03
N THR B 123 5.78 -12.47 15.23
CA THR B 123 6.49 -13.00 16.39
C THR B 123 5.63 -13.91 17.25
N ASN B 124 6.29 -14.58 18.18
CA ASN B 124 5.61 -15.38 19.21
C ASN B 124 5.80 -14.78 20.60
BR2 ESZ C . 10.54 3.67 -2.76
C8 ESZ C . 12.16 4.84 -3.05
C7 ESZ C . 13.48 4.08 -2.85
O1 ESZ C . 14.03 4.40 -1.57
C5 ESZ C . 14.38 4.56 -3.98
C6 ESZ C . 14.97 5.91 -3.58
C4 ESZ C . 15.49 3.63 -4.43
C3 ESZ C . 16.08 4.14 -5.75
C2 ESZ C . 15.04 4.36 -6.83
C12 ESZ C . 14.01 5.36 -6.33
C10 ESZ C . 13.38 4.70 -5.12
C9 ESZ C . 12.17 5.37 -4.49
C21 ESZ C . 15.63 4.77 -8.13
C20 ESZ C . 16.81 4.17 -8.54
C19 ESZ C . 17.40 4.51 -9.75
C18 ESZ C . 16.79 5.46 -10.56
O3 ESZ C . 17.36 5.81 -11.75
C17 ESZ C . 15.60 6.05 -10.15
C16 ESZ C . 15.01 5.71 -8.94
C15 ESZ C . 13.72 6.40 -8.55
C14 ESZ C . 13.01 5.63 -7.45
C1 EDO D . 1.95 -14.27 6.07
O1 EDO D . 1.62 -14.55 7.44
C2 EDO D . 3.16 -15.11 5.68
O2 EDO D . 2.84 -16.49 5.89
C1 EDO E . -2.82 -15.05 13.03
O1 EDO E . -2.69 -15.20 14.45
C2 EDO E . -2.12 -16.22 12.35
O2 EDO E . -0.83 -16.41 12.95
BR2 ESZ F . 8.01 0.56 8.68
C8 ESZ F . 9.53 0.19 9.92
C7 ESZ F . 10.25 1.49 10.29
O1 ESZ F . 11.44 1.67 9.52
C5 ESZ F . 10.57 1.34 11.76
C6 ESZ F . 11.80 0.45 11.91
C4 ESZ F . 10.78 2.63 12.53
C3 ESZ F . 10.80 2.30 14.01
C2 ESZ F . 9.54 1.56 14.46
C12 ESZ F . 9.41 0.25 13.72
C10 ESZ F . 9.30 0.65 12.26
C9 ESZ F . 9.03 -0.42 11.22
C21 ESZ F . 9.55 1.40 15.93
C20 ESZ F . 10.07 2.44 16.69
C19 ESZ F . 10.09 2.34 18.08
C18 ESZ F . 9.57 1.21 18.70
O3 ESZ F . 9.60 1.12 20.05
C17 ESZ F . 9.03 0.19 17.92
C16 ESZ F . 9.01 0.27 16.54
C15 ESZ F . 8.43 -0.87 15.72
C14 ESZ F . 8.19 -0.47 14.26
#